data_2Z8L
#
_entry.id   2Z8L
#
_cell.length_a   37.625
_cell.length_b   78.237
_cell.length_c   55.276
_cell.angle_alpha   90.000
_cell.angle_beta   127.020
_cell.angle_gamma   90.000
#
_symmetry.space_group_name_H-M   'P 1 21 1'
#
loop_
_entity.id
_entity.type
_entity.pdbx_description
1 polymer 'Exotoxin 3'
2 branched 'N-acetyl-alpha-neuraminic acid-(2-3)-beta-D-galactopyranose-(1-4)-[alpha-L-fucopyranose-(1-3)]2-acetamido-2-deoxy-beta-D-glucopyranose'
3 non-polymer 'PHOSPHATE ION'
4 non-polymer GLYCEROL
5 water water
#
_entity_poly.entity_id   1
_entity_poly.type   'polypeptide(L)'
_entity_poly.pdbx_seq_one_letter_code
;GPGSSEHKAKYENVTKDIFDLRDYYSGASKELKNVTGYRYSKGGKHYLIFDKHQKFTRIQIFGKDIERLKTRKNPGLDIF
VVKEAENRNGTVFSYGGVTKKNQGAYYDYLNAPKFVIKKEVDAGVYTHVKRHYIYKEEVSLKELDFKLRQYLIQNFDLYK
KFPKDSKIKVIMKDGGYYTFELNKKLQPHRMSDVIDGRNIEKMEANIR
;
_entity_poly.pdbx_strand_id   A
#
loop_
_chem_comp.id
_chem_comp.type
_chem_comp.name
_chem_comp.formula
FUC L-saccharide, alpha linking alpha-L-fucopyranose 'C6 H12 O5'
GAL D-saccharide, beta linking beta-D-galactopyranose 'C6 H12 O6'
GOL non-polymer GLYCEROL 'C3 H8 O3'
NAG D-saccharide, beta linking 2-acetamido-2-deoxy-beta-D-glucopyranose 'C8 H15 N O6'
PO4 non-polymer 'PHOSPHATE ION' 'O4 P -3'
SIA D-saccharide, alpha linking 'N-acetyl-alpha-neuraminic acid' 'C11 H19 N O9'
#
# COMPACT_ATOMS: atom_id res chain seq x y z
N ASP A 17 15.89 11.35 6.32
CA ASP A 17 15.63 11.97 7.66
C ASP A 17 14.29 11.44 8.13
N ILE A 18 14.16 11.21 9.43
CA ILE A 18 12.90 10.76 10.04
C ILE A 18 11.69 11.65 9.66
N PHE A 19 11.90 12.96 9.53
CA PHE A 19 10.77 13.82 9.17
C PHE A 19 10.33 13.68 7.73
N ASP A 20 11.26 13.34 6.84
CA ASP A 20 10.90 13.03 5.44
C ASP A 20 10.10 11.72 5.35
N LEU A 21 10.45 10.75 6.17
CA LEU A 21 9.74 9.49 6.22
C LEU A 21 8.30 9.77 6.72
N ARG A 22 8.18 10.56 7.79
CA ARG A 22 6.88 10.92 8.32
C ARG A 22 6.04 11.69 7.29
N ASP A 23 6.65 12.63 6.58
CA ASP A 23 5.88 13.49 5.71
C ASP A 23 5.40 12.69 4.50
N TYR A 24 6.20 11.72 4.05
CA TYR A 24 5.79 10.79 2.97
C TYR A 24 4.49 10.08 3.32
N TYR A 25 4.44 9.50 4.52
CA TYR A 25 3.30 8.72 4.93
C TYR A 25 2.14 9.52 5.46
N SER A 26 2.32 10.85 5.56
CA SER A 26 1.29 11.81 6.00
C SER A 26 0.70 12.52 4.82
N GLY A 27 1.21 12.19 3.63
CA GLY A 27 0.84 12.89 2.44
C GLY A 27 -0.32 12.28 1.70
N ALA A 28 -0.63 12.89 0.57
CA ALA A 28 -1.79 12.51 -0.18
C ALA A 28 -1.61 11.19 -0.92
N SER A 29 -2.73 10.50 -1.03
CA SER A 29 -2.83 9.28 -1.84
C SER A 29 -4.22 9.22 -2.47
N LYS A 30 -4.37 8.38 -3.50
CA LYS A 30 -5.68 8.18 -4.12
C LYS A 30 -5.85 6.78 -4.68
N GLU A 31 -7.10 6.29 -4.62
CA GLU A 31 -7.46 4.95 -5.13
C GLU A 31 -8.22 5.18 -6.41
N LEU A 32 -7.69 4.71 -7.53
CA LEU A 32 -8.35 4.85 -8.82
C LEU A 32 -9.01 3.52 -9.10
N LYS A 33 -10.24 3.58 -9.59
CA LYS A 33 -11.05 2.40 -9.73
C LYS A 33 -11.42 2.11 -11.18
N ASN A 34 -11.35 0.83 -11.54
CA ASN A 34 -11.76 0.35 -12.83
C ASN A 34 -11.11 1.10 -13.99
N VAL A 35 -9.80 1.18 -13.94
CA VAL A 35 -9.08 1.87 -15.01
C VAL A 35 -8.39 0.86 -15.94
N THR A 36 -8.12 1.31 -17.17
CA THR A 36 -7.45 0.48 -18.15
C THR A 36 -6.02 0.95 -18.31
N GLY A 37 -5.10 0.04 -18.03
CA GLY A 37 -3.65 0.27 -18.07
C GLY A 37 -3.04 -0.33 -19.32
N TYR A 38 -2.11 0.41 -19.90
CA TYR A 38 -1.38 -0.03 -21.07
C TYR A 38 0.05 -0.32 -20.69
N ARG A 39 0.49 -1.51 -21.04
CA ARG A 39 1.78 -2.01 -20.63
C ARG A 39 2.89 -1.72 -21.61
N TYR A 40 4.05 -1.34 -21.10
CA TYR A 40 5.22 -1.25 -21.92
C TYR A 40 6.50 -1.27 -21.08
N SER A 41 7.63 -1.29 -21.76
CA SER A 41 8.90 -1.29 -21.06
C SER A 41 9.91 -0.38 -21.75
N LYS A 42 10.76 0.25 -20.96
CA LYS A 42 11.79 1.16 -21.44
C LYS A 42 13.00 1.05 -20.51
N GLY A 43 14.17 0.85 -21.11
CA GLY A 43 15.40 0.83 -20.34
C GLY A 43 15.38 -0.19 -19.21
N GLY A 44 14.81 -1.36 -19.48
CA GLY A 44 14.76 -2.42 -18.49
C GLY A 44 13.81 -2.18 -17.31
N LYS A 45 13.01 -1.11 -17.39
CA LYS A 45 11.92 -0.87 -16.44
C LYS A 45 10.60 -1.21 -17.13
N HIS A 46 9.60 -1.54 -16.29
CA HIS A 46 8.30 -2.00 -16.78
C HIS A 46 7.23 -1.10 -16.21
N TYR A 47 6.28 -0.69 -17.05
CA TYR A 47 5.33 0.32 -16.67
C TYR A 47 3.92 -0.03 -17.13
N LEU A 48 2.95 0.62 -16.50
CA LEU A 48 1.57 0.66 -16.96
C LEU A 48 1.23 2.13 -17.05
N ILE A 49 0.66 2.55 -18.15
CA ILE A 49 0.29 3.94 -18.28
C ILE A 49 -1.23 4.01 -18.44
N PHE A 50 -1.82 5.06 -17.90
CA PHE A 50 -3.23 5.28 -18.18
CA PHE A 50 -3.27 5.30 -17.85
C PHE A 50 -3.51 6.76 -18.26
N ASP A 51 -4.70 7.09 -18.72
CA ASP A 51 -5.02 8.50 -18.89
C ASP A 51 -6.41 8.81 -18.38
N LYS A 52 -6.59 10.03 -17.91
CA LYS A 52 -7.88 10.49 -17.42
C LYS A 52 -7.84 12.00 -17.51
N HIS A 53 -8.93 12.59 -17.96
CA HIS A 53 -9.01 14.03 -18.22
C HIS A 53 -7.83 14.53 -19.07
N GLN A 54 -7.45 13.78 -20.11
CA GLN A 54 -6.34 14.16 -21.01
C GLN A 54 -5.02 14.34 -20.22
N LYS A 55 -4.83 13.57 -19.16
CA LYS A 55 -3.58 13.60 -18.40
C LYS A 55 -3.16 12.16 -18.20
N PHE A 56 -1.85 11.92 -18.10
CA PHE A 56 -1.32 10.56 -17.97
C PHE A 56 -0.88 10.32 -16.55
N THR A 57 -0.93 9.07 -16.15
CA THR A 57 -0.29 8.61 -14.92
C THR A 57 0.51 7.40 -15.30
N ARG A 58 1.76 7.33 -14.88
CA ARG A 58 2.63 6.22 -15.26
C ARG A 58 2.97 5.54 -13.97
N ILE A 59 2.70 4.24 -13.94
CA ILE A 59 2.94 3.39 -12.78
C ILE A 59 4.07 2.42 -13.09
N GLN A 60 5.12 2.39 -12.28
CA GLN A 60 6.16 1.41 -12.47
C GLN A 60 5.76 0.11 -11.81
N ILE A 61 5.96 -0.99 -12.53
CA ILE A 61 5.55 -2.34 -12.09
C ILE A 61 6.79 -3.14 -11.69
N PHE A 62 6.68 -3.92 -10.61
CA PHE A 62 7.81 -4.63 -10.05
C PHE A 62 7.49 -6.09 -9.82
N GLY A 63 8.52 -6.89 -9.69
CA GLY A 63 8.37 -8.23 -9.19
C GLY A 63 7.68 -9.14 -10.16
N LYS A 64 7.06 -10.17 -9.66
CA LYS A 64 6.39 -11.08 -10.59
C LYS A 64 5.07 -10.51 -11.15
N ASP A 65 4.62 -9.33 -10.66
CA ASP A 65 3.51 -8.58 -11.33
C ASP A 65 3.88 -8.21 -12.77
N ILE A 66 5.17 -8.23 -13.08
CA ILE A 66 5.64 -7.87 -14.41
C ILE A 66 5.09 -8.78 -15.52
N GLU A 67 4.70 -10.03 -15.19
CA GLU A 67 4.08 -10.90 -16.20
C GLU A 67 2.66 -11.41 -15.86
N ARG A 68 2.13 -11.06 -14.69
CA ARG A 68 0.68 -11.14 -14.48
C ARG A 68 0.04 -10.13 -15.46
N LEU A 69 0.73 -9.01 -15.66
CA LEU A 69 0.39 -8.06 -16.73
C LEU A 69 1.32 -8.36 -17.91
N LYS A 70 0.89 -9.27 -18.80
CA LYS A 70 1.68 -9.68 -19.98
C LYS A 70 0.92 -9.40 -21.28
N THR A 71 -0.16 -8.61 -21.16
CA THR A 71 -0.88 -8.16 -22.33
C THR A 71 -0.75 -6.64 -22.43
N ARG A 72 -0.89 -6.11 -23.64
CA ARG A 72 -0.76 -4.66 -23.85
C ARG A 72 -1.86 -3.90 -23.11
N LYS A 73 -3.12 -4.28 -23.33
CA LYS A 73 -4.30 -3.55 -22.80
C LYS A 73 -4.81 -4.34 -21.60
N ASN A 74 -4.94 -3.67 -20.46
CA ASN A 74 -5.29 -4.31 -19.17
C ASN A 74 -6.46 -3.57 -18.53
N PRO A 75 -7.69 -3.97 -18.86
CA PRO A 75 -8.85 -3.31 -18.26
C PRO A 75 -9.15 -3.77 -16.83
N GLY A 76 -9.98 -3.01 -16.11
CA GLY A 76 -10.53 -3.49 -14.87
C GLY A 76 -9.53 -3.53 -13.74
N LEU A 77 -8.65 -2.53 -13.71
CA LEU A 77 -7.68 -2.40 -12.62
C LEU A 77 -8.11 -1.40 -11.58
N ASP A 78 -7.64 -1.63 -10.35
CA ASP A 78 -7.67 -0.65 -9.27
C ASP A 78 -6.21 -0.25 -9.02
N ILE A 79 -5.94 1.03 -8.85
CA ILE A 79 -4.56 1.49 -8.58
C ILE A 79 -4.50 2.39 -7.36
N PHE A 80 -3.60 2.08 -6.44
CA PHE A 80 -3.32 2.93 -5.30
C PHE A 80 -2.12 3.78 -5.64
N VAL A 81 -2.37 5.07 -5.82
CA VAL A 81 -1.40 6.03 -6.29
C VAL A 81 -0.88 6.92 -5.14
N VAL A 82 0.45 7.01 -5.03
CA VAL A 82 1.15 7.96 -4.18
C VAL A 82 2.15 8.66 -5.08
N LYS A 83 2.00 9.96 -5.26
CA LYS A 83 2.83 10.68 -6.18
C LYS A 83 4.28 10.61 -5.75
N GLU A 84 5.17 10.12 -6.62
CA GLU A 84 6.60 10.10 -6.32
C GLU A 84 7.27 11.25 -7.04
N ALA A 85 6.76 11.54 -8.23
CA ALA A 85 7.26 12.62 -9.06
C ALA A 85 6.16 13.10 -10.00
N GLU A 86 6.30 14.33 -10.51
CA GLU A 86 5.40 14.85 -11.53
C GLU A 86 6.18 15.78 -12.45
N ASN A 87 5.91 15.71 -13.75
CA ASN A 87 6.63 16.51 -14.72
C ASN A 87 5.77 17.70 -15.18
N ARG A 88 6.31 18.51 -16.10
CA ARG A 88 5.65 19.74 -16.55
C ARG A 88 4.38 19.49 -17.35
N ASN A 89 4.26 18.29 -17.92
CA ASN A 89 3.04 17.91 -18.63
C ASN A 89 1.97 17.50 -17.62
N GLY A 90 2.39 17.42 -16.38
CA GLY A 90 1.50 17.04 -15.30
C GLY A 90 1.32 15.54 -15.24
N THR A 91 2.23 14.80 -15.86
CA THR A 91 2.21 13.32 -15.74
C THR A 91 2.70 12.92 -14.37
N VAL A 92 1.88 12.16 -13.64
CA VAL A 92 2.20 11.74 -12.29
C VAL A 92 2.86 10.36 -12.33
N PHE A 93 3.91 10.15 -11.54
CA PHE A 93 4.62 8.86 -11.48
C PHE A 93 4.42 8.26 -10.11
N SER A 94 4.13 6.97 -10.09
CA SER A 94 3.93 6.25 -8.85
C SER A 94 4.42 4.82 -9.03
N TYR A 95 4.73 4.17 -7.91
CA TYR A 95 5.29 2.81 -7.89
C TYR A 95 4.27 1.78 -7.45
N GLY A 96 4.04 0.78 -8.29
CA GLY A 96 3.25 -0.37 -7.94
C GLY A 96 1.82 -0.03 -7.57
N GLY A 97 1.24 -0.81 -6.67
CA GLY A 97 -0.11 -0.57 -6.18
C GLY A 97 -1.24 -0.95 -7.11
N VAL A 98 -0.99 -1.79 -8.12
CA VAL A 98 -2.00 -2.23 -9.11
C VAL A 98 -2.64 -3.55 -8.65
N THR A 99 -3.97 -3.58 -8.65
CA THR A 99 -4.68 -4.82 -8.32
C THR A 99 -5.84 -4.98 -9.30
N LYS A 100 -6.37 -6.19 -9.37
CA LYS A 100 -7.62 -6.41 -10.13
C LYS A 100 -8.78 -5.86 -9.32
N LYS A 101 -9.77 -5.28 -9.99
CA LYS A 101 -10.93 -4.79 -9.30
C LYS A 101 -11.71 -5.99 -8.73
N ASN A 102 -12.58 -5.70 -7.78
CA ASN A 102 -13.39 -6.75 -7.18
C ASN A 102 -14.27 -7.45 -8.23
N GLN A 103 -14.35 -8.77 -8.14
CA GLN A 103 -15.29 -9.53 -8.93
C GLN A 103 -16.66 -9.54 -8.24
N GLY A 104 -16.70 -9.51 -6.91
CA GLY A 104 -17.89 -9.35 -6.18
C GLY A 104 -18.34 -7.92 -6.07
N ALA A 105 -19.56 -7.76 -5.57
CA ALA A 105 -20.18 -6.47 -5.38
C ALA A 105 -20.58 -6.49 -3.90
N TYR A 106 -20.08 -5.53 -3.11
CA TYR A 106 -20.17 -5.59 -1.65
C TYR A 106 -20.88 -4.35 -1.13
N TYR A 107 -21.60 -4.52 -0.05
CA TYR A 107 -22.31 -3.39 0.55
C TYR A 107 -21.65 -2.94 1.80
N ASP A 108 -20.62 -3.66 2.24
CA ASP A 108 -19.81 -3.18 3.33
C ASP A 108 -18.43 -3.83 3.19
N TYR A 109 -17.59 -3.62 4.17
CA TYR A 109 -16.26 -4.24 4.16
C TYR A 109 -16.33 -5.77 4.16
N LEU A 110 -15.38 -6.41 3.52
CA LEU A 110 -15.41 -7.86 3.43
C LEU A 110 -14.58 -8.58 4.46
N ASN A 111 -13.80 -7.83 5.23
CA ASN A 111 -13.03 -8.42 6.33
C ASN A 111 -12.68 -7.29 7.29
N ALA A 112 -12.57 -7.61 8.58
CA ALA A 112 -12.29 -6.60 9.63
C ALA A 112 -11.28 -7.20 10.60
N PRO A 113 -10.08 -7.49 10.10
CA PRO A 113 -9.06 -8.06 11.00
C PRO A 113 -8.75 -7.12 12.16
N LYS A 114 -8.48 -7.69 13.32
CA LYS A 114 -7.94 -6.89 14.42
C LYS A 114 -6.56 -6.31 14.08
N PHE A 115 -6.31 -5.07 14.52
CA PHE A 115 -5.02 -4.43 14.41
C PHE A 115 -4.55 -4.19 15.85
N VAL A 116 -3.60 -5.00 16.30
CA VAL A 116 -3.16 -4.99 17.74
C VAL A 116 -1.91 -4.12 17.78
N ILE A 117 -2.02 -2.97 18.42
CA ILE A 117 -0.99 -1.99 18.45
C ILE A 117 -0.38 -1.96 19.84
N LYS A 118 0.88 -2.32 19.92
CA LYS A 118 1.59 -2.33 21.22
C LYS A 118 2.45 -1.09 21.24
N LYS A 119 2.05 -0.11 22.07
CA LYS A 119 2.68 1.20 22.10
C LYS A 119 3.52 1.35 23.35
N GLU A 120 4.79 1.68 23.20
CA GLU A 120 5.64 1.96 24.36
C GLU A 120 5.10 3.17 25.12
N VAL A 121 5.00 3.03 26.44
CA VAL A 121 4.57 4.13 27.29
C VAL A 121 5.59 4.22 28.42
N ASP A 122 5.38 5.19 29.28
CA ASP A 122 6.07 5.24 30.52
C ASP A 122 5.79 3.97 31.35
N ALA A 123 6.89 3.26 31.54
CA ALA A 123 7.02 2.13 32.40
C ALA A 123 6.54 0.87 31.79
N GLY A 124 6.25 0.87 30.49
CA GLY A 124 5.81 -0.37 29.86
C GLY A 124 5.35 -0.23 28.46
N VAL A 125 4.42 -1.10 28.14
CA VAL A 125 3.82 -1.18 26.83
C VAL A 125 2.32 -1.32 26.97
N TYR A 126 1.56 -0.56 26.19
CA TYR A 126 0.12 -0.60 26.31
C TYR A 126 -0.43 -1.14 25.00
N THR A 127 -1.30 -2.13 25.08
CA THR A 127 -1.86 -2.78 23.88
C THR A 127 -3.24 -2.24 23.61
N HIS A 128 -3.39 -1.67 22.41
CA HIS A 128 -4.65 -1.16 21.92
C HIS A 128 -5.12 -2.10 20.84
N VAL A 129 -6.42 -2.43 20.83
CA VAL A 129 -6.93 -3.30 19.82
C VAL A 129 -7.93 -2.52 18.98
N LYS A 130 -7.63 -2.42 17.70
CA LYS A 130 -8.44 -1.67 16.77
C LYS A 130 -8.81 -2.68 15.66
N ARG A 131 -9.63 -2.23 14.74
CA ARG A 131 -9.96 -3.02 13.50
C ARG A 131 -9.45 -2.26 12.33
N HIS A 132 -9.08 -2.98 11.27
CA HIS A 132 -8.79 -2.32 10.03
C HIS A 132 -9.72 -2.97 9.02
N TYR A 133 -10.56 -2.16 8.44
CA TYR A 133 -11.55 -2.65 7.50
C TYR A 133 -10.97 -2.78 6.09
N ILE A 134 -11.22 -3.95 5.47
CA ILE A 134 -10.71 -4.30 4.17
C ILE A 134 -11.89 -4.37 3.21
N TYR A 135 -11.81 -3.61 2.11
CA TYR A 135 -12.87 -3.56 1.11
C TYR A 135 -12.54 -4.27 -0.18
N LYS A 136 -11.32 -4.78 -0.31
CA LYS A 136 -10.87 -5.33 -1.55
C LYS A 136 -10.49 -6.80 -1.47
N GLU A 137 -10.85 -7.54 -2.51
CA GLU A 137 -10.46 -8.93 -2.65
C GLU A 137 -8.98 -9.07 -2.82
N GLU A 138 -8.39 -8.18 -3.60
CA GLU A 138 -6.92 -8.19 -3.88
C GLU A 138 -6.41 -6.85 -3.36
N VAL A 139 -5.48 -6.89 -2.42
CA VAL A 139 -4.97 -5.71 -1.80
C VAL A 139 -3.42 -5.68 -1.97
N SER A 140 -2.89 -4.51 -2.38
CA SER A 140 -1.42 -4.39 -2.51
C SER A 140 -0.79 -4.19 -1.12
N LEU A 141 0.41 -4.78 -0.91
CA LEU A 141 1.21 -4.42 0.25
C LEU A 141 1.42 -2.92 0.32
N LYS A 142 1.57 -2.26 -0.86
CA LYS A 142 1.76 -0.81 -0.87
C LYS A 142 0.63 -0.07 -0.12
N GLU A 143 -0.61 -0.38 -0.47
CA GLU A 143 -1.76 0.24 0.16
C GLU A 143 -1.87 -0.07 1.64
N LEU A 144 -1.69 -1.32 2.00
CA LEU A 144 -1.77 -1.64 3.43
C LEU A 144 -0.69 -0.91 4.22
N ASP A 145 0.55 -0.98 3.75
CA ASP A 145 1.68 -0.27 4.41
C ASP A 145 1.34 1.19 4.58
N PHE A 146 0.92 1.84 3.52
CA PHE A 146 0.70 3.27 3.55
C PHE A 146 -0.44 3.66 4.50
N LYS A 147 -1.58 2.99 4.32
CA LYS A 147 -2.71 3.30 5.16
C LYS A 147 -2.48 2.99 6.66
N LEU A 148 -1.83 1.87 6.96
CA LEU A 148 -1.58 1.55 8.38
C LEU A 148 -0.60 2.51 8.99
N ARG A 149 0.49 2.85 8.29
CA ARG A 149 1.41 3.91 8.83
C ARG A 149 0.71 5.25 9.00
N GLN A 150 -0.09 5.68 8.00
CA GLN A 150 -0.78 6.94 8.13
C GLN A 150 -1.69 6.95 9.38
N TYR A 151 -2.38 5.85 9.63
CA TYR A 151 -3.26 5.72 10.80
C TYR A 151 -2.42 5.83 12.10
N LEU A 152 -1.26 5.17 12.11
CA LEU A 152 -0.40 5.21 13.30
C LEU A 152 0.24 6.57 13.55
N ILE A 153 0.53 7.32 12.47
CA ILE A 153 1.05 8.65 12.59
C ILE A 153 0.00 9.57 13.19
N GLN A 154 -1.21 9.44 12.68
CA GLN A 154 -2.34 10.32 13.11
C GLN A 154 -2.84 10.01 14.52
N ASN A 155 -2.76 8.76 14.94
CA ASN A 155 -3.44 8.31 16.16
C ASN A 155 -2.54 7.76 17.27
N PHE A 156 -1.34 7.28 16.92
CA PHE A 156 -0.47 6.62 17.86
C PHE A 156 0.95 7.16 17.87
N ASP A 157 1.12 8.39 17.39
CA ASP A 157 2.38 9.08 17.53
C ASP A 157 3.55 8.36 16.84
N LEU A 158 3.28 7.58 15.81
CA LEU A 158 4.41 7.08 15.01
C LEU A 158 5.26 8.23 14.44
N TYR A 159 6.57 8.08 14.59
CA TYR A 159 7.61 9.02 14.16
C TYR A 159 7.72 10.27 15.02
N LYS A 160 7.12 10.26 16.21
CA LYS A 160 7.42 11.32 17.18
C LYS A 160 8.70 10.97 17.98
N LYS A 161 9.01 9.68 17.98
CA LYS A 161 10.26 9.14 18.47
C LYS A 161 10.88 8.38 17.32
N PHE A 162 12.19 8.16 17.38
CA PHE A 162 12.86 7.35 16.38
C PHE A 162 12.33 5.93 16.46
N PRO A 163 12.00 5.35 15.31
CA PRO A 163 11.33 4.04 15.32
C PRO A 163 12.15 2.81 15.64
N LYS A 164 13.47 2.90 15.50
CA LYS A 164 14.34 1.76 15.78
C LYS A 164 13.83 0.51 15.09
N ASP A 165 13.62 -0.57 15.83
CA ASP A 165 13.22 -1.89 15.31
C ASP A 165 11.70 -2.09 15.13
N SER A 166 10.93 -1.02 15.26
CA SER A 166 9.46 -1.03 15.19
C SER A 166 9.04 -1.70 13.87
N LYS A 167 7.96 -2.46 13.89
CA LYS A 167 7.46 -3.11 12.66
C LYS A 167 5.94 -3.29 12.70
N ILE A 168 5.37 -3.43 11.51
CA ILE A 168 4.01 -3.91 11.32
C ILE A 168 4.12 -5.33 10.74
N LYS A 169 3.28 -6.23 11.22
CA LYS A 169 3.21 -7.61 10.69
C LYS A 169 1.76 -7.87 10.32
N VAL A 170 1.53 -8.27 9.08
CA VAL A 170 0.20 -8.71 8.60
C VAL A 170 0.21 -10.22 8.53
N ILE A 171 -0.70 -10.87 9.25
CA ILE A 171 -0.70 -12.31 9.41
C ILE A 171 -1.94 -12.87 8.70
N MET A 172 -1.69 -13.91 7.91
CA MET A 172 -2.73 -14.50 7.10
C MET A 172 -3.35 -15.68 7.85
N LYS A 173 -4.56 -16.04 7.44
CA LYS A 173 -5.25 -17.20 8.05
C LYS A 173 -4.43 -18.49 7.95
N ASP A 174 -3.71 -18.69 6.87
CA ASP A 174 -2.87 -19.89 6.72
C ASP A 174 -1.52 -19.83 7.47
N GLY A 175 -1.23 -18.70 8.11
CA GLY A 175 -0.04 -18.51 8.94
C GLY A 175 1.11 -17.77 8.26
N GLY A 176 0.98 -17.53 6.96
CA GLY A 176 1.96 -16.72 6.25
C GLY A 176 1.86 -15.30 6.78
N TYR A 177 2.95 -14.56 6.66
CA TYR A 177 2.96 -13.16 7.12
C TYR A 177 3.80 -12.27 6.28
N TYR A 178 3.54 -10.96 6.44
CA TYR A 178 4.29 -9.92 5.73
C TYR A 178 4.72 -8.87 6.75
N THR A 179 5.96 -8.41 6.65
CA THR A 179 6.54 -7.52 7.65
C THR A 179 6.92 -6.20 6.97
N PHE A 180 6.57 -5.12 7.64
CA PHE A 180 6.90 -3.72 7.23
C PHE A 180 7.78 -3.12 8.27
N GLU A 181 9.08 -2.95 7.98
CA GLU A 181 9.99 -2.34 8.94
C GLU A 181 9.74 -0.83 8.95
N LEU A 182 9.44 -0.26 10.11
CA LEU A 182 9.02 1.16 10.16
C LEU A 182 10.15 2.19 10.11
N ASN A 183 11.40 1.74 10.19
CA ASN A 183 12.52 2.69 10.13
C ASN A 183 12.89 3.12 8.73
N LYS A 184 12.19 2.61 7.73
CA LYS A 184 12.40 3.05 6.35
C LYS A 184 11.16 2.90 5.53
N LYS A 185 11.12 3.52 4.35
CA LYS A 185 10.04 3.36 3.43
C LYS A 185 9.93 1.87 2.99
N LEU A 186 8.73 1.43 2.65
CA LEU A 186 8.57 0.12 2.00
C LEU A 186 9.45 0.06 0.76
N GLN A 187 10.15 -1.06 0.55
CA GLN A 187 11.08 -1.17 -0.59
C GLN A 187 10.30 -1.11 -1.89
N PRO A 188 10.74 -0.27 -2.84
CA PRO A 188 10.04 -0.18 -4.13
C PRO A 188 9.77 -1.53 -4.79
N HIS A 189 10.71 -2.46 -4.72
CA HIS A 189 10.51 -3.76 -5.35
C HIS A 189 9.42 -4.60 -4.73
N ARG A 190 8.90 -4.20 -3.55
CA ARG A 190 7.77 -4.87 -2.91
C ARG A 190 6.46 -4.16 -3.22
N MET A 191 6.50 -3.06 -3.97
CA MET A 191 5.29 -2.25 -4.04
C MET A 191 4.26 -2.75 -5.03
N SER A 192 4.59 -3.80 -5.77
CA SER A 192 3.64 -4.51 -6.61
C SER A 192 3.04 -5.80 -6.00
N ASP A 193 3.56 -6.22 -4.86
CA ASP A 193 3.10 -7.49 -4.26
C ASP A 193 1.65 -7.35 -3.78
N VAL A 194 0.84 -8.38 -3.99
CA VAL A 194 -0.59 -8.35 -3.68
C VAL A 194 -0.96 -9.55 -2.84
N ILE A 195 -1.95 -9.38 -1.97
CA ILE A 195 -2.41 -10.48 -1.13
C ILE A 195 -3.94 -10.54 -1.16
N ASP A 196 -4.50 -11.65 -0.72
CA ASP A 196 -5.95 -11.77 -0.72
C ASP A 196 -6.48 -11.12 0.55
N GLY A 197 -7.17 -10.00 0.37
CA GLY A 197 -7.80 -9.29 1.46
C GLY A 197 -8.71 -10.10 2.37
N ARG A 198 -9.41 -11.10 1.79
CA ARG A 198 -10.32 -11.95 2.55
C ARG A 198 -9.60 -12.87 3.55
N ASN A 199 -8.30 -13.09 3.32
CA ASN A 199 -7.57 -14.07 4.08
C ASN A 199 -6.64 -13.46 5.13
N ILE A 200 -6.67 -12.16 5.33
CA ILE A 200 -5.92 -11.57 6.41
C ILE A 200 -6.61 -11.94 7.71
N GLU A 201 -5.83 -12.42 8.66
CA GLU A 201 -6.35 -12.77 9.99
C GLU A 201 -6.26 -11.63 10.97
N LYS A 202 -5.10 -11.00 11.05
CA LYS A 202 -4.80 -10.03 12.07
C LYS A 202 -3.57 -9.23 11.66
N MET A 203 -3.40 -8.02 12.20
CA MET A 203 -2.23 -7.22 11.96
C MET A 203 -1.73 -6.76 13.30
N GLU A 204 -0.40 -6.66 13.40
CA GLU A 204 0.24 -6.28 14.65
C GLU A 204 1.20 -5.14 14.38
N ALA A 205 1.34 -4.23 15.32
CA ALA A 205 2.34 -3.18 15.21
C ALA A 205 2.94 -3.00 16.58
N ASN A 206 4.25 -2.87 16.62
CA ASN A 206 4.98 -2.53 17.86
C ASN A 206 5.60 -1.15 17.59
N ILE A 207 5.18 -0.12 18.35
CA ILE A 207 5.50 1.29 18.10
C ILE A 207 6.26 1.85 19.34
N ARG A 208 7.31 2.64 19.10
CA ARG A 208 8.11 3.22 20.19
C ARG A 208 7.35 4.37 20.85
C1 NAG B . 14.09 -7.00 -2.00
C2 NAG B . 14.60 -6.32 -0.72
C3 NAG B . 14.53 -7.22 0.50
C4 NAG B . 13.16 -7.87 0.62
C5 NAG B . 12.82 -8.50 -0.74
C6 NAG B . 11.52 -9.27 -0.87
C7 NAG B . 16.28 -4.55 -1.05
C8 NAG B . 17.77 -4.28 -1.18
N2 NAG B . 15.96 -5.82 -0.86
O1 NAG B . 14.09 -6.09 -3.10
O3 NAG B . 14.89 -6.50 1.71
O4 NAG B . 13.27 -8.84 1.66
O5 NAG B . 12.77 -7.48 -1.73
O6 NAG B . 10.44 -8.55 -0.36
O7 NAG B . 15.46 -3.62 -1.12
C1 GAL B . 12.18 -8.80 2.61
C2 GAL B . 12.05 -10.19 3.21
C3 GAL B . 10.84 -10.15 4.13
C4 GAL B . 11.05 -9.07 5.21
C5 GAL B . 11.31 -7.70 4.56
C6 GAL B . 11.57 -6.62 5.60
O2 GAL B . 11.81 -11.08 2.11
O3 GAL B . 10.56 -11.44 4.72
O4 GAL B . 12.16 -9.44 5.99
O5 GAL B . 12.40 -7.82 3.64
O6 GAL B . 11.90 -5.36 5.02
C1 SIA B . 8.37 -10.88 5.59
C2 SIA B . 9.17 -11.83 4.67
C3 SIA B . 9.12 -13.27 5.16
C4 SIA B . 7.73 -13.88 4.94
C5 SIA B . 7.26 -13.74 3.49
C6 SIA B . 7.37 -12.26 3.11
C7 SIA B . 6.99 -11.91 1.67
C8 SIA B . 7.35 -10.45 1.35
C9 SIA B . 6.76 -9.91 0.06
C10 SIA B . 5.40 -15.07 2.57
C11 SIA B . 3.93 -15.38 2.64
N5 SIA B . 5.86 -14.17 3.43
O1A SIA B . 7.81 -9.93 5.00
O1B SIA B . 8.33 -11.03 6.83
O4 SIA B . 7.73 -15.28 5.39
O6 SIA B . 8.72 -11.84 3.31
O7 SIA B . 7.73 -12.72 0.76
O8 SIA B . 6.92 -9.68 2.48
O9 SIA B . 7.20 -8.58 -0.25
O10 SIA B . 6.17 -15.57 1.74
C1 FUC B . 16.22 -6.66 2.25
C2 FUC B . 16.38 -5.49 3.23
C3 FUC B . 15.59 -5.72 4.50
C4 FUC B . 15.91 -7.09 5.07
C5 FUC B . 15.75 -8.17 3.99
C6 FUC B . 16.03 -9.59 4.46
O2 FUC B . 16.00 -4.26 2.65
O3 FUC B . 15.86 -4.66 5.42
O4 FUC B . 17.26 -7.05 5.47
O5 FUC B . 16.55 -7.87 2.88
P PO4 C . -13.56 -1.99 -7.00
O1 PO4 C . -13.06 -1.07 -8.12
O2 PO4 C . -14.88 -2.60 -7.45
O3 PO4 C . -13.81 -1.21 -5.74
O4 PO4 C . -12.59 -3.11 -6.71
C1 GOL D . -7.95 -0.45 2.99
O1 GOL D . -7.27 0.26 1.97
C2 GOL D . -7.68 -1.92 2.75
O2 GOL D . -6.27 -2.08 2.81
C3 GOL D . -8.20 -2.40 1.37
O3 GOL D . -9.57 -2.19 1.16
#